data_6EQT
#
_entry.id   6EQT
#
_cell.length_a   87.300
_cell.length_b   87.300
_cell.length_c   81.100
_cell.angle_alpha   90.000
_cell.angle_beta   90.000
_cell.angle_gamma   90.000
#
_symmetry.space_group_name_H-M   'P 41'
#
loop_
_entity.id
_entity.type
_entity.pdbx_description
1 polymer 'Centromere protein N'
2 water water
#
_entity_poly.entity_id   1
_entity_poly.type   'polypeptide(L)'
_entity_poly.pdbx_seq_one_letter_code
;MDETVAEFIKRTILKIPMNELTTILKAWDFLSENQLQTVNFRQRKESVVQHLIHLCEEKRASISDAALLDIIYMQFHQHQ
KVWDVFQMSKGPGEDVDLFDMKQFKNSFKKILQRALKNVTVSFRETEENAVWIRIAWGTQYTKPNQYKPTYVVYYSQTPY
AFTSSSMLRRNTPLLGQALTIASKHHQIVKMDLRSRYLDSLKAIVFKQYNQTFHHHHHH
;
_entity_poly.pdbx_strand_id   A,B
#
# COMPACT_ATOMS: atom_id res chain seq x y z
N MET A 1 -13.15 31.63 -7.39
CA MET A 1 -12.71 30.45 -8.18
C MET A 1 -13.65 30.07 -9.32
N ASP A 2 -13.07 29.54 -10.40
CA ASP A 2 -13.80 29.11 -11.59
C ASP A 2 -14.76 27.95 -11.27
N GLU A 3 -15.76 27.76 -12.13
CA GLU A 3 -16.73 26.68 -11.95
C GLU A 3 -16.14 25.30 -12.24
N THR A 4 -15.08 25.26 -13.05
CA THR A 4 -14.33 24.04 -13.31
C THR A 4 -13.60 23.54 -12.06
N VAL A 5 -12.85 24.44 -11.40
CA VAL A 5 -12.15 24.10 -10.15
C VAL A 5 -13.14 23.82 -9.00
N ALA A 6 -14.24 24.57 -8.97
CA ALA A 6 -15.31 24.38 -7.97
C ALA A 6 -16.02 23.03 -8.10
N GLU A 7 -16.20 22.56 -9.34
CA GLU A 7 -16.82 21.27 -9.62
C GLU A 7 -15.91 20.11 -9.21
N PHE A 8 -14.63 20.23 -9.59
CA PHE A 8 -13.60 19.24 -9.27
C PHE A 8 -13.46 19.02 -7.78
N ILE A 9 -13.42 20.11 -7.00
CA ILE A 9 -13.39 20.03 -5.54
C ILE A 9 -14.68 19.39 -4.98
N LYS A 10 -15.83 19.67 -5.60
CA LYS A 10 -17.11 19.06 -5.21
C LYS A 10 -17.07 17.54 -5.36
N ARG A 11 -16.72 17.05 -6.56
CA ARG A 11 -16.66 15.60 -6.84
C ARG A 11 -15.61 14.85 -6.01
N THR A 12 -14.53 15.55 -5.63
CA THR A 12 -13.46 15.00 -4.79
C THR A 12 -13.94 14.80 -3.36
N ILE A 13 -14.59 15.82 -2.79
CA ILE A 13 -15.13 15.77 -1.44
C ILE A 13 -16.29 14.76 -1.35
N LEU A 14 -17.12 14.70 -2.39
CA LEU A 14 -18.24 13.75 -2.45
C LEU A 14 -17.85 12.27 -2.31
N LYS A 15 -16.70 11.90 -2.87
CA LYS A 15 -16.21 10.51 -2.79
C LYS A 15 -15.44 10.17 -1.51
N ILE A 16 -15.10 11.19 -0.72
CA ILE A 16 -14.49 10.98 0.61
C ILE A 16 -15.56 10.51 1.61
N PRO A 17 -15.35 9.33 2.24
CA PRO A 17 -16.22 8.88 3.33
C PRO A 17 -16.25 9.86 4.51
N MET A 18 -17.43 10.02 5.11
CA MET A 18 -17.71 11.04 6.12
C MET A 18 -16.76 11.03 7.32
N ASN A 19 -16.44 9.85 7.82
CA ASN A 19 -15.50 9.70 8.94
C ASN A 19 -14.05 10.13 8.62
N GLU A 20 -13.68 10.01 7.35
CA GLU A 20 -12.33 10.39 6.88
C GLU A 20 -12.21 11.89 6.59
N LEU A 21 -13.36 12.53 6.33
CA LEU A 21 -13.43 13.89 5.79
C LEU A 21 -12.61 14.92 6.56
N THR A 22 -12.71 14.85 7.88
CA THR A 22 -12.10 15.82 8.76
C THR A 22 -10.58 15.63 8.86
N THR A 23 -10.11 14.43 8.49
CA THR A 23 -8.70 14.09 8.57
C THR A 23 -8.00 14.49 7.27
N ILE A 24 -8.66 14.19 6.15
CA ILE A 24 -8.18 14.58 4.83
C ILE A 24 -8.10 16.11 4.70
N LEU A 25 -9.13 16.80 5.17
CA LEU A 25 -9.17 18.26 5.11
C LEU A 25 -8.06 18.92 5.94
N LYS A 26 -7.80 18.39 7.14
CA LYS A 26 -6.67 18.82 7.96
C LYS A 26 -5.33 18.59 7.25
N ALA A 27 -5.18 17.40 6.65
CA ALA A 27 -4.00 17.03 5.86
C ALA A 27 -3.79 17.97 4.66
N TRP A 28 -4.90 18.43 4.08
CA TRP A 28 -4.91 19.34 2.94
C TRP A 28 -4.40 20.72 3.33
N ASP A 29 -4.73 21.12 4.55
CA ASP A 29 -4.25 22.35 5.20
C ASP A 29 -4.40 23.58 4.29
N PHE A 30 -5.58 23.71 3.69
CA PHE A 30 -5.92 24.84 2.83
C PHE A 30 -6.99 25.70 3.50
N LEU A 31 -8.13 25.08 3.83
CA LEU A 31 -9.13 25.68 4.68
C LEU A 31 -8.57 25.73 6.10
N SER A 32 -8.78 26.84 6.78
CA SER A 32 -8.22 27.06 8.11
C SER A 32 -8.98 26.27 9.18
N GLU A 33 -8.33 26.11 10.35
CA GLU A 33 -8.93 25.51 11.53
C GLU A 33 -10.22 26.25 11.92
N ASN A 34 -10.17 27.58 11.88
CA ASN A 34 -11.31 28.45 12.14
C ASN A 34 -12.48 28.28 11.17
N GLN A 35 -12.16 28.22 9.86
CA GLN A 35 -13.16 28.01 8.82
C GLN A 35 -13.91 26.70 9.03
N LEU A 36 -13.17 25.64 9.36
CA LEU A 36 -13.72 24.29 9.53
C LEU A 36 -14.61 24.15 10.76
N GLN A 37 -14.34 24.97 11.78
CA GLN A 37 -15.15 25.01 12.99
C GLN A 37 -16.60 25.41 12.71
N THR A 38 -16.80 26.31 11.76
CA THR A 38 -18.12 26.81 11.37
C THR A 38 -19.00 25.73 10.72
N VAL A 39 -18.35 24.70 10.15
CA VAL A 39 -19.02 23.59 9.49
C VAL A 39 -19.43 22.57 10.53
N ASN A 40 -20.71 22.25 10.60
CA ASN A 40 -21.12 21.08 11.36
C ASN A 40 -21.18 19.89 10.39
N PHE A 41 -20.52 18.80 10.81
CA PHE A 41 -20.29 17.65 9.96
C PHE A 41 -21.34 16.55 10.15
N ARG A 42 -22.35 16.83 10.97
CA ARG A 42 -23.32 15.82 11.39
C ARG A 42 -24.69 15.88 10.68
N GLN A 43 -24.68 16.27 9.40
CA GLN A 43 -25.87 16.17 8.54
C GLN A 43 -25.54 15.64 7.14
N ARG A 44 -26.56 15.60 6.27
CA ARG A 44 -26.44 15.16 4.87
C ARG A 44 -25.17 15.69 4.22
N LYS A 45 -24.47 14.82 3.48
CA LYS A 45 -23.21 15.17 2.81
C LYS A 45 -23.33 16.39 1.89
N GLU A 46 -24.44 16.46 1.16
CA GLU A 46 -24.76 17.57 0.23
C GLU A 46 -24.73 18.94 0.91
N SER A 47 -25.18 19.00 2.16
CA SER A 47 -25.09 20.21 2.98
C SER A 47 -23.65 20.51 3.40
N VAL A 48 -22.90 19.47 3.74
CA VAL A 48 -21.49 19.58 4.14
C VAL A 48 -20.65 20.11 2.96
N VAL A 49 -20.86 19.56 1.76
CA VAL A 49 -20.05 19.90 0.59
C VAL A 49 -20.25 21.33 0.06
N GLN A 50 -21.49 21.84 0.12
CA GLN A 50 -21.77 23.20 -0.33
C GLN A 50 -21.22 24.26 0.63
N HIS A 51 -21.20 23.93 1.93
CA HIS A 51 -20.55 24.75 2.94
C HIS A 51 -19.03 24.79 2.69
N LEU A 52 -18.46 23.64 2.33
CA LEU A 52 -17.02 23.53 2.08
C LEU A 52 -16.61 24.22 0.78
N ILE A 53 -17.43 24.07 -0.27
CA ILE A 53 -17.24 24.76 -1.55
C ILE A 53 -17.29 26.29 -1.38
N HIS A 54 -18.20 26.76 -0.52
CA HIS A 54 -18.24 28.19 -0.16
C HIS A 54 -16.93 28.65 0.48
N LEU A 55 -16.41 27.84 1.40
CA LEU A 55 -15.17 28.14 2.13
C LEU A 55 -13.95 28.18 1.23
N CYS A 56 -14.00 27.41 0.14
CA CYS A 56 -12.98 27.42 -0.89
C CYS A 56 -13.03 28.72 -1.73
N GLU A 57 -14.23 29.24 -1.94
CA GLU A 57 -14.43 30.54 -2.60
C GLU A 57 -13.83 31.69 -1.80
N GLU A 58 -14.15 31.73 -0.50
CA GLU A 58 -13.54 32.66 0.46
C GLU A 58 -12.01 32.65 0.37
N LYS A 59 -11.45 31.45 0.29
CA LYS A 59 -10.01 31.25 0.33
C LYS A 59 -9.35 31.36 -1.06
N ARG A 60 -10.18 31.51 -2.10
CA ARG A 60 -9.73 31.66 -3.51
C ARG A 60 -8.96 30.44 -4.01
N ALA A 61 -9.59 29.27 -3.93
CA ALA A 61 -8.99 28.02 -4.37
C ALA A 61 -8.71 28.04 -5.87
N SER A 62 -7.46 27.74 -6.23
CA SER A 62 -7.07 27.57 -7.62
C SER A 62 -7.08 26.08 -7.99
N ILE A 63 -6.80 25.77 -9.25
CA ILE A 63 -6.69 24.38 -9.72
C ILE A 63 -5.58 23.60 -8.98
N SER A 64 -4.52 24.30 -8.58
CA SER A 64 -3.39 23.68 -7.87
C SER A 64 -3.77 23.18 -6.49
N ASP A 65 -4.61 23.94 -5.80
CA ASP A 65 -5.21 23.54 -4.53
C ASP A 65 -6.14 22.33 -4.69
N ALA A 66 -6.91 22.34 -5.78
CA ALA A 66 -7.82 21.25 -6.12
C ALA A 66 -7.06 19.95 -6.39
N ALA A 67 -6.03 20.04 -7.23
CA ALA A 67 -5.13 18.93 -7.55
C ALA A 67 -4.43 18.34 -6.31
N LEU A 68 -4.12 19.20 -5.34
CA LEU A 68 -3.48 18.75 -4.11
C LEU A 68 -4.41 17.94 -3.20
N LEU A 69 -5.67 18.35 -3.09
CA LEU A 69 -6.69 17.58 -2.38
C LEU A 69 -6.89 16.21 -3.04
N ASP A 70 -6.81 16.17 -4.37
CA ASP A 70 -6.92 14.94 -5.12
C ASP A 70 -5.77 13.96 -4.80
N ILE A 71 -4.53 14.46 -4.78
CA ILE A 71 -3.35 13.68 -4.36
C ILE A 71 -3.58 13.06 -2.98
N ILE A 72 -4.09 13.86 -2.05
CA ILE A 72 -4.30 13.43 -0.68
C ILE A 72 -5.37 12.34 -0.60
N TYR A 73 -6.46 12.49 -1.37
CA TYR A 73 -7.42 11.41 -1.52
C TYR A 73 -6.74 10.10 -1.96
N MET A 74 -5.89 10.19 -2.99
CA MET A 74 -5.18 9.04 -3.52
C MET A 74 -4.20 8.43 -2.50
N GLN A 75 -3.52 9.28 -1.75
CA GLN A 75 -2.60 8.86 -0.69
C GLN A 75 -3.30 8.07 0.42
N PHE A 76 -4.54 8.45 0.70
CA PHE A 76 -5.39 7.76 1.67
C PHE A 76 -6.18 6.59 1.06
N HIS A 77 -6.12 6.43 -0.26
CA HIS A 77 -6.87 5.38 -0.96
C HIS A 77 -6.08 4.72 -2.10
N GLN A 78 -4.80 4.47 -1.85
CA GLN A 78 -3.86 3.92 -2.84
CA GLN A 78 -3.88 3.93 -2.88
C GLN A 78 -4.40 2.67 -3.55
N HIS A 79 -5.23 1.91 -2.82
CA HIS A 79 -5.83 0.65 -3.30
C HIS A 79 -6.78 0.82 -4.50
N GLN A 80 -7.23 2.05 -4.75
CA GLN A 80 -8.20 2.28 -5.81
C GLN A 80 -7.61 2.20 -7.22
N LYS A 81 -6.30 2.22 -7.33
CA LYS A 81 -5.62 2.09 -8.61
C LYS A 81 -4.60 0.96 -8.58
N VAL A 82 -4.36 0.36 -9.75
CA VAL A 82 -3.32 -0.65 -9.92
C VAL A 82 -2.02 0.09 -10.23
N TRP A 83 -0.98 -0.22 -9.46
CA TRP A 83 0.31 0.44 -9.60
C TRP A 83 1.29 -0.47 -10.33
N ASP A 84 1.93 0.10 -11.34
CA ASP A 84 3.03 -0.56 -12.03
C ASP A 84 4.34 -0.02 -11.51
N VAL A 85 5.37 -0.84 -11.57
CA VAL A 85 6.72 -0.42 -11.17
C VAL A 85 7.58 -0.18 -12.40
N PHE A 86 8.33 0.92 -12.36
CA PHE A 86 9.25 1.30 -13.44
C PHE A 86 10.65 1.45 -12.88
N GLN A 87 11.63 0.91 -13.60
CA GLN A 87 13.04 1.01 -13.21
C GLN A 87 13.84 1.89 -14.18
N MET A 88 14.64 2.75 -13.61
CA MET A 88 15.58 3.58 -14.36
C MET A 88 17.03 3.13 -14.14
N SER A 89 17.92 3.49 -15.06
CA SER A 89 19.35 3.18 -14.95
C SER A 89 20.22 4.37 -15.32
N LYS A 90 21.35 4.50 -14.63
CA LYS A 90 22.26 5.62 -14.79
C LYS A 90 23.55 5.16 -15.45
N ASP A 97 23.76 13.71 -10.64
CA ASP A 97 23.11 13.99 -9.37
C ASP A 97 22.29 15.27 -9.42
N LEU A 98 21.15 15.27 -8.72
CA LEU A 98 20.35 16.47 -8.50
C LEU A 98 20.93 17.29 -7.34
N PHE A 99 20.79 18.62 -7.43
CA PHE A 99 21.08 19.52 -6.31
C PHE A 99 19.94 19.42 -5.29
N ASP A 100 18.72 19.30 -5.82
CA ASP A 100 17.48 19.43 -5.05
C ASP A 100 16.34 18.60 -5.64
N MET A 101 15.31 18.40 -4.83
CA MET A 101 14.02 17.90 -5.26
C MET A 101 13.27 18.95 -6.10
N LYS A 102 13.44 20.23 -5.73
CA LYS A 102 12.90 21.37 -6.48
C LYS A 102 13.42 21.40 -7.93
N GLN A 103 14.66 20.95 -8.12
CA GLN A 103 15.25 20.80 -9.46
C GLN A 103 14.48 19.78 -10.30
N PHE A 104 14.15 18.63 -9.70
CA PHE A 104 13.37 17.59 -10.39
C PHE A 104 11.99 18.10 -10.80
N LYS A 105 11.30 18.74 -9.85
CA LYS A 105 9.92 19.19 -10.04
C LYS A 105 9.77 20.19 -11.18
N ASN A 106 10.67 21.17 -11.24
CA ASN A 106 10.65 22.20 -12.29
C ASN A 106 11.02 21.65 -13.66
N SER A 107 12.09 20.84 -13.71
CA SER A 107 12.48 20.12 -14.91
C SER A 107 11.33 19.31 -15.48
N PHE A 108 10.76 18.43 -14.66
CA PHE A 108 9.68 17.52 -15.05
C PHE A 108 8.46 18.29 -15.55
N LYS A 109 8.02 19.29 -14.79
CA LYS A 109 6.86 20.10 -15.14
C LYS A 109 7.02 20.74 -16.52
N LYS A 110 8.18 21.37 -16.74
CA LYS A 110 8.48 22.04 -18.01
C LYS A 110 8.47 21.10 -19.21
N ILE A 111 9.16 19.95 -19.10
CA ILE A 111 9.21 18.95 -20.18
C ILE A 111 7.80 18.59 -20.68
N LEU A 112 6.89 18.31 -19.75
CA LEU A 112 5.50 18.00 -20.08
C LEU A 112 4.76 19.20 -20.67
N GLN A 113 4.84 20.35 -20.01
CA GLN A 113 4.12 21.56 -20.46
C GLN A 113 4.73 22.26 -21.69
N ARG A 114 5.87 21.74 -22.17
CA ARG A 114 6.45 22.14 -23.46
C ARG A 114 6.05 21.18 -24.58
N ALA A 115 5.93 19.89 -24.24
CA ALA A 115 5.55 18.85 -25.20
C ALA A 115 4.08 18.97 -25.63
N LEU A 116 3.19 19.03 -24.65
CA LEU A 116 1.80 19.42 -24.84
C LEU A 116 1.72 20.78 -24.19
N LYS A 117 0.72 21.58 -24.52
CA LYS A 117 0.67 22.92 -23.92
C LYS A 117 -0.23 22.95 -22.69
N ASN A 118 -1.32 22.18 -22.75
CA ASN A 118 -2.27 22.10 -21.65
C ASN A 118 -2.09 20.82 -20.85
N VAL A 119 -1.53 20.98 -19.65
CA VAL A 119 -1.30 19.89 -18.72
C VAL A 119 -1.30 20.46 -17.30
N THR A 120 -1.81 19.69 -16.35
CA THR A 120 -1.72 20.07 -14.95
C THR A 120 -0.73 19.11 -14.29
N VAL A 121 0.36 19.68 -13.79
CA VAL A 121 1.39 18.90 -13.10
C VAL A 121 1.50 19.44 -11.68
N SER A 122 1.13 18.61 -10.71
CA SER A 122 1.14 18.98 -9.30
C SER A 122 1.97 18.00 -8.49
N PHE A 123 2.44 18.46 -7.32
CA PHE A 123 3.35 17.68 -6.49
C PHE A 123 2.97 17.66 -5.01
N ARG A 124 3.30 16.55 -4.34
CA ARG A 124 3.34 16.51 -2.88
C ARG A 124 4.51 15.66 -2.40
N GLU A 125 5.26 16.21 -1.46
CA GLU A 125 6.42 15.53 -0.91
C GLU A 125 6.05 14.85 0.39
N THR A 126 6.46 13.58 0.50
CA THR A 126 6.38 12.83 1.76
C THR A 126 7.79 12.72 2.34
N GLU A 127 7.88 12.46 3.64
CA GLU A 127 9.17 12.46 4.36
C GLU A 127 10.07 11.23 4.13
N GLU A 128 9.78 10.48 3.05
CA GLU A 128 10.57 9.31 2.65
C GLU A 128 11.60 9.65 1.55
N ASN A 129 11.82 10.96 1.33
CA ASN A 129 12.47 11.50 0.12
C ASN A 129 11.73 11.09 -1.17
N ALA A 130 10.39 11.09 -1.06
CA ALA A 130 9.51 10.64 -2.12
C ALA A 130 8.56 11.74 -2.58
N VAL A 131 8.27 11.74 -3.88
CA VAL A 131 7.33 12.68 -4.48
C VAL A 131 6.14 11.97 -5.07
N TRP A 132 4.96 12.46 -4.73
CA TRP A 132 3.75 12.15 -5.45
C TRP A 132 3.61 13.16 -6.58
N ILE A 133 3.45 12.66 -7.79
CA ILE A 133 3.15 13.51 -8.95
C ILE A 133 1.73 13.16 -9.40
N ARG A 134 0.94 14.20 -9.66
CA ARG A 134 -0.37 14.07 -10.30
C ARG A 134 -0.33 14.82 -11.62
N ILE A 135 -0.66 14.12 -12.69
CA ILE A 135 -0.67 14.69 -14.04
C ILE A 135 -2.05 14.53 -14.66
N ALA A 136 -2.69 15.65 -14.95
CA ALA A 136 -3.93 15.67 -15.73
C ALA A 136 -3.59 16.07 -17.16
N TRP A 137 -3.86 15.15 -18.10
CA TRP A 137 -3.44 15.29 -19.49
C TRP A 137 -4.43 16.09 -20.33
N GLY A 138 -3.90 17.03 -21.11
CA GLY A 138 -4.61 17.67 -22.22
C GLY A 138 -3.69 17.72 -23.43
N THR A 139 -4.21 18.22 -24.54
CA THR A 139 -3.42 18.34 -25.78
C THR A 139 -3.02 19.79 -26.02
N GLN A 140 -2.38 20.03 -27.16
CA GLN A 140 -2.09 21.38 -27.67
C GLN A 140 -3.38 22.21 -27.78
N TYR A 141 -4.47 21.55 -28.19
CA TYR A 141 -5.74 22.21 -28.46
C TYR A 141 -6.82 22.02 -27.39
N THR A 142 -6.81 20.87 -26.70
CA THR A 142 -7.81 20.59 -25.64
C THR A 142 -7.29 20.82 -24.21
N LYS A 143 -8.21 21.14 -23.31
CA LYS A 143 -7.92 21.38 -21.89
C LYS A 143 -7.62 20.06 -21.14
N PRO A 144 -6.91 20.13 -19.98
CA PRO A 144 -6.60 18.90 -19.23
C PRO A 144 -7.82 18.22 -18.63
N ASN A 145 -7.90 16.90 -18.82
CA ASN A 145 -8.96 16.08 -18.25
C ASN A 145 -8.65 15.75 -16.79
N GLN A 146 -9.29 16.49 -15.89
CA GLN A 146 -9.04 16.39 -14.44
C GLN A 146 -9.63 15.14 -13.78
N TYR A 147 -10.38 14.36 -14.56
CA TYR A 147 -11.06 13.17 -14.04
C TYR A 147 -10.39 11.85 -14.44
N LYS A 148 -9.41 11.93 -15.33
CA LYS A 148 -8.57 10.77 -15.70
C LYS A 148 -7.07 11.02 -15.48
N PRO A 149 -6.66 11.42 -14.25
CA PRO A 149 -5.26 11.79 -14.08
C PRO A 149 -4.33 10.60 -13.91
N THR A 150 -3.03 10.82 -14.09
CA THR A 150 -2.02 9.82 -13.80
C THR A 150 -1.26 10.21 -12.54
N TYR A 151 -1.04 9.23 -11.66
CA TYR A 151 -0.26 9.42 -10.45
C TYR A 151 1.08 8.72 -10.56
N VAL A 152 2.14 9.43 -10.18
CA VAL A 152 3.49 8.86 -10.09
C VAL A 152 3.98 8.99 -8.64
N VAL A 153 4.69 7.97 -8.17
CA VAL A 153 5.38 7.99 -6.88
C VAL A 153 6.85 7.68 -7.11
N TYR A 154 7.67 8.73 -7.14
CA TYR A 154 9.10 8.56 -7.34
C TYR A 154 9.82 8.68 -6.00
N TYR A 155 10.58 7.64 -5.66
CA TYR A 155 11.48 7.67 -4.51
C TYR A 155 12.83 8.15 -5.02
N SER A 156 13.20 9.36 -4.61
CA SER A 156 14.30 10.13 -5.23
C SER A 156 15.68 9.47 -5.17
N GLN A 157 15.97 8.80 -4.06
CA GLN A 157 17.30 8.21 -3.83
C GLN A 157 17.40 6.76 -4.33
N THR A 158 16.41 6.35 -5.11
CA THR A 158 16.32 5.02 -5.72
C THR A 158 16.11 5.17 -7.24
N PRO A 159 16.37 4.09 -8.01
CA PRO A 159 16.01 4.12 -9.43
C PRO A 159 14.55 3.72 -9.71
N TYR A 160 13.69 3.80 -8.69
CA TYR A 160 12.33 3.27 -8.77
C TYR A 160 11.23 4.31 -8.73
N ALA A 161 10.28 4.16 -9.65
CA ALA A 161 9.12 5.03 -9.77
C ALA A 161 7.87 4.20 -10.04
N PHE A 162 6.80 4.54 -9.35
CA PHE A 162 5.55 3.78 -9.35
C PHE A 162 4.43 4.59 -10.00
N THR A 163 3.82 4.04 -11.05
CA THR A 163 2.75 4.75 -11.75
C THR A 163 1.42 4.00 -11.71
N SER A 164 0.33 4.76 -11.78
CA SER A 164 -1.01 4.21 -11.95
C SER A 164 -1.41 4.26 -13.42
N SER A 165 -1.46 3.10 -14.06
CA SER A 165 -1.84 2.98 -15.46
C SER A 165 -3.34 2.70 -15.60
N SER A 166 -4.01 3.53 -16.40
CA SER A 166 -5.45 3.41 -16.64
C SER A 166 -5.78 2.82 -18.02
N MET A 167 -5.05 3.29 -19.04
CA MET A 167 -5.22 2.82 -20.43
C MET A 167 -3.88 2.52 -21.11
N LEU A 168 -2.82 3.12 -20.59
CA LEU A 168 -1.46 3.14 -21.18
C LEU A 168 -1.47 3.83 -22.56
N ARG A 169 -1.82 5.12 -22.54
CA ARG A 169 -2.09 5.93 -23.73
C ARG A 169 -0.83 6.36 -24.52
N ARG A 170 -1.01 7.27 -25.48
CA ARG A 170 0.09 7.85 -26.26
C ARG A 170 0.98 8.80 -25.44
N ASN A 171 0.44 9.26 -24.31
CA ASN A 171 1.18 10.09 -23.35
C ASN A 171 1.97 9.27 -22.33
N THR A 172 1.99 7.94 -22.52
CA THR A 172 2.75 7.03 -21.66
C THR A 172 4.28 7.01 -21.97
N PRO A 173 4.71 7.04 -23.27
CA PRO A 173 6.16 7.13 -23.51
C PRO A 173 6.76 8.49 -23.12
N LEU A 174 5.95 9.54 -23.21
CA LEU A 174 6.33 10.88 -22.77
C LEU A 174 6.57 10.96 -21.26
N LEU A 175 5.72 10.29 -20.47
CA LEU A 175 5.86 10.24 -19.02
C LEU A 175 7.19 9.58 -18.64
N GLY A 176 7.51 8.47 -19.31
CA GLY A 176 8.79 7.78 -19.12
C GLY A 176 9.94 8.73 -19.42
N GLN A 177 9.87 9.35 -20.60
CA GLN A 177 10.86 10.32 -21.07
C GLN A 177 11.09 11.45 -20.05
N ALA A 178 10.01 12.10 -19.63
CA ALA A 178 10.07 13.20 -18.67
C ALA A 178 10.72 12.80 -17.34
N LEU A 179 10.26 11.68 -16.78
CA LEU A 179 10.82 11.10 -15.53
C LEU A 179 12.31 10.83 -15.66
N THR A 180 12.68 10.17 -16.77
CA THR A 180 14.06 9.80 -17.05
C THR A 180 14.97 11.03 -17.19
N ILE A 181 14.51 12.04 -17.94
CA ILE A 181 15.28 13.27 -18.16
C ILE A 181 15.43 14.09 -16.87
N ALA A 182 14.34 14.24 -16.12
CA ALA A 182 14.27 15.16 -14.98
C ALA A 182 15.16 14.78 -13.77
N SER A 183 15.17 13.50 -13.40
CA SER A 183 16.24 12.94 -12.59
C SER A 183 17.38 12.57 -13.54
N LYS A 184 18.59 12.39 -13.03
CA LYS A 184 19.75 12.21 -13.91
C LYS A 184 19.91 10.79 -14.48
N HIS A 185 18.87 10.29 -15.14
CA HIS A 185 18.83 8.93 -15.67
C HIS A 185 18.80 8.86 -17.20
N HIS A 186 19.24 7.71 -17.74
CA HIS A 186 19.42 7.54 -19.19
C HIS A 186 18.36 6.64 -19.82
N GLN A 187 17.93 5.61 -19.08
CA GLN A 187 16.95 4.64 -19.58
C GLN A 187 15.87 4.32 -18.55
N ILE A 188 14.65 4.12 -19.03
CA ILE A 188 13.54 3.62 -18.22
C ILE A 188 13.01 2.33 -18.84
N VAL A 189 12.63 1.38 -17.99
CA VAL A 189 11.98 0.15 -18.44
C VAL A 189 10.85 -0.27 -17.47
N LYS A 190 9.71 -0.66 -18.05
CA LYS A 190 8.57 -1.19 -17.31
C LYS A 190 8.90 -2.59 -16.82
N MET A 191 8.74 -2.80 -15.51
CA MET A 191 8.85 -4.13 -14.90
C MET A 191 7.51 -4.87 -14.92
N ASP A 192 7.57 -6.20 -14.98
CA ASP A 192 6.38 -7.04 -14.91
C ASP A 192 5.98 -7.25 -13.44
N LEU A 193 5.63 -6.16 -12.77
CA LEU A 193 5.23 -6.17 -11.35
C LEU A 193 4.05 -5.22 -11.10
N ARG A 194 2.87 -5.81 -10.92
CA ARG A 194 1.64 -5.07 -10.64
C ARG A 194 1.13 -5.42 -9.25
N SER A 195 0.59 -4.40 -8.58
CA SER A 195 -0.23 -4.58 -7.37
C SER A 195 -1.11 -3.37 -7.09
N ARG A 196 -2.23 -3.66 -6.44
CA ARG A 196 -3.15 -2.65 -5.92
C ARG A 196 -2.59 -1.97 -4.66
N TYR A 197 -1.53 -2.56 -4.09
CA TYR A 197 -0.94 -2.11 -2.84
C TYR A 197 0.51 -1.72 -3.00
N LEU A 198 0.76 -0.41 -2.87
CA LEU A 198 2.09 0.17 -3.07
C LEU A 198 3.11 -0.28 -2.04
N ASP A 199 2.66 -0.45 -0.80
CA ASP A 199 3.51 -0.92 0.30
C ASP A 199 4.11 -2.29 0.01
N SER A 200 3.31 -3.15 -0.61
CA SER A 200 3.74 -4.49 -0.97
C SER A 200 4.71 -4.50 -2.17
N LEU A 201 4.56 -3.53 -3.09
CA LEU A 201 5.49 -3.37 -4.22
C LEU A 201 6.85 -2.80 -3.81
N LYS A 202 6.82 -1.70 -3.04
CA LYS A 202 7.99 -1.16 -2.34
C LYS A 202 8.78 -2.30 -1.72
N ALA A 203 8.08 -3.16 -0.99
CA ALA A 203 8.64 -4.32 -0.30
C ALA A 203 9.47 -5.25 -1.20
N ILE A 204 9.00 -5.53 -2.42
CA ILE A 204 9.76 -6.40 -3.32
C ILE A 204 10.95 -5.69 -3.98
N VAL A 205 10.73 -4.48 -4.52
CA VAL A 205 11.77 -3.78 -5.29
C VAL A 205 12.89 -3.21 -4.43
N PHE A 206 12.58 -2.80 -3.21
CA PHE A 206 13.60 -2.29 -2.28
C PHE A 206 14.33 -3.41 -1.53
N LYS A 207 13.72 -4.59 -1.50
CA LYS A 207 14.37 -5.81 -0.98
C LYS A 207 15.44 -6.31 -1.97
N GLN A 208 15.06 -6.45 -3.25
CA GLN A 208 15.99 -6.91 -4.30
C GLN A 208 16.97 -5.83 -4.80
N TYR A 209 16.75 -4.59 -4.36
CA TYR A 209 17.70 -3.49 -4.54
C TYR A 209 18.79 -3.54 -3.47
N ASN A 210 18.47 -4.17 -2.33
CA ASN A 210 19.41 -4.37 -1.21
C ASN A 210 20.36 -5.56 -1.35
N GLN A 211 19.98 -6.55 -2.18
CA GLN A 211 20.82 -7.72 -2.46
C GLN A 211 21.96 -7.34 -3.41
N THR A 212 21.61 -6.66 -4.52
CA THR A 212 22.56 -6.28 -5.56
C THR A 212 23.54 -5.17 -5.15
N PHE A 213 23.04 -4.17 -4.42
CA PHE A 213 23.83 -3.02 -3.98
C PHE A 213 23.71 -2.79 -2.48
N MET B 1 7.20 -33.28 -0.11
CA MET B 1 6.35 -32.46 0.81
C MET B 1 5.00 -33.12 1.13
N ASP B 2 4.44 -32.75 2.28
CA ASP B 2 3.18 -33.28 2.79
C ASP B 2 2.00 -32.90 1.90
N GLU B 3 1.02 -33.81 1.80
CA GLU B 3 -0.22 -33.56 1.06
C GLU B 3 -1.04 -32.39 1.57
N THR B 4 -1.04 -32.19 2.89
CA THR B 4 -1.67 -31.02 3.54
C THR B 4 -0.98 -29.71 3.13
N VAL B 5 0.35 -29.74 3.05
CA VAL B 5 1.16 -28.59 2.58
C VAL B 5 0.87 -28.34 1.10
N ALA B 6 1.05 -29.39 0.28
CA ALA B 6 0.86 -29.34 -1.17
C ALA B 6 -0.51 -28.82 -1.59
N GLU B 7 -1.56 -29.27 -0.90
CA GLU B 7 -2.95 -28.88 -1.20
C GLU B 7 -3.23 -27.42 -0.83
N PHE B 8 -2.65 -26.99 0.29
CA PHE B 8 -2.75 -25.61 0.77
C PHE B 8 -2.09 -24.66 -0.23
N ILE B 9 -0.84 -24.97 -0.62
CA ILE B 9 -0.14 -24.20 -1.65
C ILE B 9 -0.97 -24.16 -2.95
N LYS B 10 -1.54 -25.31 -3.32
CA LYS B 10 -2.42 -25.42 -4.49
C LYS B 10 -3.63 -24.48 -4.41
N ARG B 11 -4.37 -24.55 -3.30
CA ARG B 11 -5.56 -23.73 -3.10
C ARG B 11 -5.27 -22.25 -2.92
N THR B 12 -4.10 -21.93 -2.35
CA THR B 12 -3.61 -20.56 -2.25
C THR B 12 -3.43 -19.95 -3.65
N ILE B 13 -2.72 -20.68 -4.52
CA ILE B 13 -2.40 -20.21 -5.88
C ILE B 13 -3.66 -20.13 -6.77
N LEU B 14 -4.60 -21.05 -6.60
CA LEU B 14 -5.87 -21.03 -7.34
C LEU B 14 -6.75 -19.80 -7.03
N LYS B 15 -6.39 -19.07 -5.97
CA LYS B 15 -7.06 -17.82 -5.58
C LYS B 15 -6.42 -16.61 -6.26
N ILE B 16 -5.17 -16.76 -6.68
CA ILE B 16 -4.41 -15.69 -7.32
C ILE B 16 -4.70 -15.67 -8.83
N PRO B 17 -5.34 -14.58 -9.34
CA PRO B 17 -5.61 -14.46 -10.78
C PRO B 17 -4.32 -14.36 -11.60
N MET B 18 -4.42 -14.74 -12.88
CA MET B 18 -3.26 -14.84 -13.78
C MET B 18 -2.44 -13.56 -13.91
N ASN B 19 -3.13 -12.41 -13.99
CA ASN B 19 -2.50 -11.11 -14.20
C ASN B 19 -1.68 -10.55 -13.03
N GLU B 20 -1.53 -11.33 -11.97
CA GLU B 20 -0.74 -10.92 -10.79
C GLU B 20 0.12 -12.04 -10.18
N LEU B 21 -0.03 -13.25 -10.72
CA LEU B 21 0.70 -14.44 -10.26
C LEU B 21 2.22 -14.29 -10.25
N THR B 22 2.76 -13.70 -11.32
CA THR B 22 4.22 -13.49 -11.46
C THR B 22 4.82 -12.53 -10.42
N THR B 23 4.01 -11.57 -9.98
CA THR B 23 4.42 -10.64 -8.92
C THR B 23 4.52 -11.35 -7.56
N ILE B 24 3.45 -12.07 -7.18
CA ILE B 24 3.39 -12.90 -5.95
C ILE B 24 4.57 -13.88 -5.85
N LEU B 25 4.89 -14.54 -6.96
CA LEU B 25 5.98 -15.50 -7.00
C LEU B 25 7.38 -14.87 -6.82
N LYS B 26 7.62 -13.76 -7.53
CA LYS B 26 8.90 -13.04 -7.40
C LYS B 26 9.09 -12.50 -5.98
N ALA B 27 8.00 -12.01 -5.39
CA ALA B 27 7.95 -11.56 -3.99
C ALA B 27 8.24 -12.70 -3.02
N TRP B 28 7.67 -13.87 -3.32
CA TRP B 28 7.85 -15.10 -2.54
C TRP B 28 9.31 -15.56 -2.51
N ASP B 29 9.99 -15.42 -3.66
CA ASP B 29 11.41 -15.76 -3.84
C ASP B 29 11.77 -17.17 -3.33
N PHE B 30 10.91 -18.14 -3.64
CA PHE B 30 11.11 -19.53 -3.24
C PHE B 30 11.49 -20.37 -4.45
N LEU B 31 10.91 -20.02 -5.60
CA LEU B 31 11.23 -20.63 -6.88
C LEU B 31 12.19 -19.74 -7.65
N SER B 32 13.35 -20.28 -7.99
CA SER B 32 14.37 -19.61 -8.81
C SER B 32 13.82 -19.17 -10.16
N GLU B 33 14.45 -18.15 -10.75
CA GLU B 33 14.04 -17.64 -12.07
C GLU B 33 14.39 -18.56 -13.25
N ASN B 34 15.35 -19.47 -13.04
CA ASN B 34 15.58 -20.59 -13.96
C ASN B 34 14.34 -21.48 -14.06
N GLN B 35 13.82 -21.86 -12.89
CA GLN B 35 12.62 -22.68 -12.75
C GLN B 35 11.38 -22.01 -13.34
N LEU B 36 11.27 -20.70 -13.17
CA LEU B 36 10.10 -19.94 -13.62
C LEU B 36 10.09 -19.69 -15.13
N GLN B 37 11.26 -19.73 -15.75
CA GLN B 37 11.41 -19.69 -17.21
C GLN B 37 10.86 -20.97 -17.87
N THR B 38 10.90 -22.08 -17.14
CA THR B 38 10.37 -23.37 -17.59
C THR B 38 8.83 -23.33 -17.70
N VAL B 39 8.19 -22.56 -16.81
CA VAL B 39 6.72 -22.50 -16.74
C VAL B 39 6.17 -21.66 -17.87
N ASN B 40 5.22 -22.23 -18.60
CA ASN B 40 4.45 -21.49 -19.59
C ASN B 40 3.17 -20.95 -18.97
N PHE B 41 3.12 -19.64 -18.79
CA PHE B 41 1.98 -18.95 -18.17
C PHE B 41 0.80 -18.68 -19.11
N ARG B 42 0.94 -19.07 -20.38
CA ARG B 42 -0.12 -18.94 -21.38
C ARG B 42 -1.28 -19.92 -21.16
N GLN B 43 -0.98 -21.03 -20.47
CA GLN B 43 -1.92 -22.12 -20.18
C GLN B 43 -3.10 -21.73 -19.28
N ARG B 44 -4.10 -22.61 -19.23
CA ARG B 44 -5.22 -22.50 -18.28
C ARG B 44 -4.69 -22.66 -16.86
N LYS B 45 -5.33 -21.96 -15.90
CA LYS B 45 -4.83 -21.87 -14.52
C LYS B 45 -4.52 -23.20 -13.83
N GLU B 46 -5.37 -24.22 -14.06
CA GLU B 46 -5.19 -25.57 -13.50
C GLU B 46 -3.90 -26.26 -13.95
N SER B 47 -3.46 -25.94 -15.16
CA SER B 47 -2.22 -26.48 -15.73
C SER B 47 -0.98 -25.75 -15.19
N VAL B 48 -1.13 -24.47 -14.88
CA VAL B 48 -0.04 -23.65 -14.34
C VAL B 48 0.26 -24.03 -12.87
N VAL B 49 -0.82 -24.16 -12.09
CA VAL B 49 -0.74 -24.58 -10.67
C VAL B 49 -0.06 -25.94 -10.55
N GLN B 50 -0.38 -26.83 -11.49
CA GLN B 50 0.18 -28.19 -11.61
C GLN B 50 1.71 -28.18 -11.70
N HIS B 51 2.24 -27.43 -12.67
CA HIS B 51 3.69 -27.26 -12.87
C HIS B 51 4.34 -26.62 -11.63
N LEU B 52 3.67 -25.62 -11.06
CA LEU B 52 4.18 -24.89 -9.91
C LEU B 52 4.34 -25.76 -8.67
N ILE B 53 3.34 -26.60 -8.39
CA ILE B 53 3.39 -27.60 -7.29
C ILE B 53 4.57 -28.58 -7.46
N HIS B 54 4.80 -29.05 -8.69
CA HIS B 54 5.99 -29.86 -9.00
C HIS B 54 7.30 -29.13 -8.66
N LEU B 55 7.37 -27.85 -9.03
CA LEU B 55 8.55 -27.02 -8.79
C LEU B 55 8.85 -26.82 -7.31
N CYS B 56 7.79 -26.70 -6.51
CA CYS B 56 7.88 -26.68 -5.05
C CYS B 56 8.44 -27.99 -4.51
N GLU B 57 7.97 -29.11 -5.07
CA GLU B 57 8.42 -30.45 -4.68
C GLU B 57 9.92 -30.66 -4.82
N GLU B 58 10.48 -30.13 -5.91
CA GLU B 58 11.92 -30.15 -6.15
C GLU B 58 12.70 -29.42 -5.05
N LYS B 59 12.13 -28.31 -4.56
CA LYS B 59 12.75 -27.49 -3.52
C LYS B 59 12.34 -27.88 -2.08
N ARG B 60 11.54 -28.95 -1.96
CA ARG B 60 11.04 -29.50 -0.68
C ARG B 60 10.36 -28.46 0.22
N ALA B 61 9.17 -28.03 -0.20
CA ALA B 61 8.42 -26.97 0.48
C ALA B 61 7.80 -27.43 1.81
N SER B 62 8.31 -26.87 2.91
CA SER B 62 7.76 -27.11 4.24
C SER B 62 6.54 -26.22 4.50
N ILE B 63 5.94 -26.36 5.68
CA ILE B 63 4.80 -25.53 6.09
C ILE B 63 5.19 -24.04 6.21
N SER B 64 6.42 -23.78 6.65
CA SER B 64 6.94 -22.41 6.80
C SER B 64 7.00 -21.67 5.45
N ASP B 65 7.38 -22.39 4.40
CA ASP B 65 7.35 -21.88 3.02
C ASP B 65 5.90 -21.57 2.56
N ALA B 66 4.97 -22.46 2.91
CA ALA B 66 3.54 -22.31 2.58
C ALA B 66 2.91 -21.10 3.27
N ALA B 67 3.35 -20.85 4.51
CA ALA B 67 2.91 -19.70 5.30
C ALA B 67 3.42 -18.35 4.76
N LEU B 68 4.66 -18.34 4.25
CA LEU B 68 5.26 -17.17 3.62
C LEU B 68 4.46 -16.74 2.39
N LEU B 69 4.06 -17.73 1.57
CA LEU B 69 3.20 -17.51 0.40
C LEU B 69 1.87 -16.89 0.81
N ASP B 70 1.37 -17.31 1.97
CA ASP B 70 0.08 -16.86 2.44
C ASP B 70 0.13 -15.43 2.98
N ILE B 71 1.24 -15.06 3.63
CA ILE B 71 1.51 -13.68 4.06
C ILE B 71 1.53 -12.77 2.83
N ILE B 72 2.30 -13.18 1.82
CA ILE B 72 2.40 -12.46 0.56
C ILE B 72 1.05 -12.36 -0.15
N TYR B 73 0.26 -13.44 -0.11
CA TYR B 73 -1.12 -13.38 -0.59
C TYR B 73 -1.90 -12.22 0.07
N MET B 74 -1.82 -12.13 1.40
CA MET B 74 -2.53 -11.12 2.16
C MET B 74 -2.04 -9.69 1.94
N GLN B 75 -0.72 -9.54 1.79
CA GLN B 75 -0.09 -8.25 1.50
C GLN B 75 -0.54 -7.66 0.17
N PHE B 76 -0.99 -8.54 -0.72
CA PHE B 76 -1.49 -8.16 -2.03
C PHE B 76 -3.02 -8.18 -2.09
N HIS B 77 -3.67 -8.67 -1.03
CA HIS B 77 -5.13 -8.73 -0.95
C HIS B 77 -5.69 -8.29 0.40
N GLN B 78 -5.22 -7.14 0.87
CA GLN B 78 -5.52 -6.62 2.21
C GLN B 78 -7.02 -6.43 2.46
N HIS B 79 -7.73 -6.04 1.41
CA HIS B 79 -9.19 -5.80 1.45
C HIS B 79 -10.04 -7.03 1.85
N GLN B 80 -9.47 -8.23 1.75
CA GLN B 80 -10.18 -9.48 2.03
C GLN B 80 -10.42 -9.80 3.52
N LYS B 81 -9.86 -8.99 4.42
CA LYS B 81 -10.05 -9.13 5.86
C LYS B 81 -10.39 -7.78 6.47
N VAL B 82 -11.16 -7.79 7.55
CA VAL B 82 -11.43 -6.55 8.30
C VAL B 82 -10.38 -6.38 9.40
N TRP B 83 -9.87 -5.15 9.51
CA TRP B 83 -8.70 -4.87 10.34
C TRP B 83 -9.06 -4.02 11.55
N ASP B 84 -8.63 -4.47 12.73
CA ASP B 84 -8.76 -3.72 13.97
C ASP B 84 -7.43 -3.05 14.28
N VAL B 85 -7.48 -1.92 14.98
CA VAL B 85 -6.26 -1.22 15.37
C VAL B 85 -6.05 -1.22 16.89
N PHE B 86 -4.80 -1.47 17.29
CA PHE B 86 -4.42 -1.57 18.70
C PHE B 86 -3.30 -0.60 19.03
N GLN B 87 -3.44 0.07 20.18
CA GLN B 87 -2.44 1.01 20.68
C GLN B 87 -1.68 0.47 21.89
N MET B 88 -0.36 0.55 21.82
CA MET B 88 0.52 0.16 22.92
C MET B 88 1.13 1.35 23.65
N SER B 89 1.12 1.30 24.98
CA SER B 89 1.69 2.36 25.82
C SER B 89 2.93 1.90 26.58
N LYS B 90 4.03 2.63 26.37
CA LYS B 90 5.38 2.26 26.84
C LYS B 90 5.50 2.35 28.35
N LEU B 98 16.86 1.10 20.44
CA LEU B 98 15.89 0.73 21.48
C LEU B 98 15.18 -0.59 21.18
N PHE B 99 14.90 -0.83 19.89
CA PHE B 99 14.17 -2.02 19.42
C PHE B 99 15.03 -2.89 18.50
N ASP B 100 14.93 -4.21 18.67
CA ASP B 100 15.50 -5.16 17.69
C ASP B 100 14.52 -6.31 17.38
N MET B 101 14.35 -6.56 16.08
CA MET B 101 13.29 -7.45 15.57
C MET B 101 13.45 -8.91 15.95
N LYS B 102 14.69 -9.41 15.86
CA LYS B 102 15.00 -10.82 16.14
C LYS B 102 14.56 -11.28 17.53
N GLN B 103 14.84 -10.46 18.54
CA GLN B 103 14.42 -10.75 19.92
C GLN B 103 12.90 -10.69 20.07
N PHE B 104 12.29 -9.70 19.40
CA PHE B 104 10.82 -9.57 19.36
C PHE B 104 10.18 -10.84 18.77
N LYS B 105 10.64 -11.23 17.58
CA LYS B 105 10.13 -12.40 16.86
C LYS B 105 10.23 -13.67 17.72
N ASN B 106 11.40 -13.89 18.32
CA ASN B 106 11.63 -15.05 19.18
C ASN B 106 10.78 -15.02 20.46
N SER B 107 10.69 -13.84 21.08
CA SER B 107 9.88 -13.65 22.29
C SER B 107 8.42 -13.96 22.01
N PHE B 108 7.87 -13.33 20.96
CA PHE B 108 6.49 -13.53 20.51
C PHE B 108 6.18 -14.99 20.22
N LYS B 109 7.01 -15.61 19.37
CA LYS B 109 6.87 -17.02 18.97
C LYS B 109 6.85 -17.96 20.19
N LYS B 110 7.82 -17.81 21.09
CA LYS B 110 7.95 -18.67 22.27
C LYS B 110 6.78 -18.56 23.25
N ILE B 111 6.29 -17.34 23.47
CA ILE B 111 5.12 -17.11 24.31
C ILE B 111 3.90 -17.89 23.78
N LEU B 112 3.66 -17.80 22.47
CA LEU B 112 2.52 -18.47 21.84
C LEU B 112 2.65 -19.99 21.87
N GLN B 113 3.85 -20.48 21.57
CA GLN B 113 4.16 -21.91 21.61
C GLN B 113 4.00 -22.52 23.01
N ARG B 114 4.42 -21.78 24.04
CA ARG B 114 4.28 -22.21 25.43
C ARG B 114 2.85 -22.17 25.95
N ALA B 115 2.04 -21.25 25.44
CA ALA B 115 0.64 -21.12 25.85
C ALA B 115 -0.30 -22.10 25.13
N LEU B 116 0.07 -22.53 23.92
CA LEU B 116 -0.78 -23.42 23.13
C LEU B 116 -0.16 -24.76 22.76
N LYS B 117 -1.02 -25.77 22.71
CA LYS B 117 -0.69 -27.13 22.25
C LYS B 117 -0.32 -27.11 20.76
N ASN B 118 -1.13 -26.41 19.96
CA ASN B 118 -1.00 -26.41 18.50
C ASN B 118 -1.07 -25.01 17.90
N VAL B 119 0.05 -24.55 17.34
CA VAL B 119 0.16 -23.20 16.79
C VAL B 119 1.28 -23.07 15.73
N THR B 120 1.04 -22.22 14.72
CA THR B 120 2.05 -21.86 13.70
C THR B 120 2.28 -20.35 13.70
N VAL B 121 3.54 -19.95 13.86
CA VAL B 121 3.94 -18.52 13.86
C VAL B 121 5.00 -18.31 12.77
N SER B 122 4.78 -17.31 11.92
CA SER B 122 5.67 -16.98 10.80
C SER B 122 5.83 -15.47 10.70
N PHE B 123 6.92 -15.04 10.08
CA PHE B 123 7.22 -13.60 9.93
C PHE B 123 7.61 -13.17 8.53
N ARG B 124 7.34 -11.91 8.22
CA ARG B 124 7.81 -11.23 7.01
C ARG B 124 7.94 -9.74 7.36
N GLU B 125 9.03 -9.13 6.92
CA GLU B 125 9.34 -7.76 7.26
C GLU B 125 9.23 -6.82 6.06
N THR B 126 8.40 -5.79 6.19
CA THR B 126 8.44 -4.60 5.34
C THR B 126 9.52 -3.71 5.91
N GLU B 127 10.33 -3.09 5.05
CA GLU B 127 11.52 -2.35 5.47
C GLU B 127 11.26 -0.91 5.98
N GLU B 128 10.00 -0.64 6.34
CA GLU B 128 9.63 0.57 7.10
C GLU B 128 9.56 0.24 8.61
N ASN B 129 10.49 -0.61 9.05
CA ASN B 129 10.57 -1.16 10.43
C ASN B 129 9.32 -1.97 10.86
N ALA B 130 8.59 -2.46 9.86
CA ALA B 130 7.35 -3.21 10.08
C ALA B 130 7.57 -4.74 10.03
N VAL B 131 6.62 -5.47 10.62
CA VAL B 131 6.60 -6.93 10.55
C VAL B 131 5.17 -7.45 10.39
N TRP B 132 5.00 -8.35 9.42
CA TRP B 132 3.78 -9.13 9.27
C TRP B 132 3.92 -10.42 10.05
N ILE B 133 2.93 -10.73 10.86
CA ILE B 133 2.90 -11.97 11.63
C ILE B 133 1.67 -12.79 11.21
N ARG B 134 1.90 -14.05 10.89
CA ARG B 134 0.81 -14.99 10.63
C ARG B 134 0.76 -16.05 11.72
N ILE B 135 -0.40 -16.15 12.36
CA ILE B 135 -0.63 -17.15 13.41
C ILE B 135 -1.77 -18.08 12.98
N ALA B 136 -1.44 -19.35 12.82
CA ALA B 136 -2.45 -20.38 12.62
C ALA B 136 -2.78 -21.02 13.97
N TRP B 137 -4.04 -20.90 14.37
CA TRP B 137 -4.51 -21.44 15.66
C TRP B 137 -5.02 -22.86 15.52
N GLY B 138 -4.64 -23.69 16.48
CA GLY B 138 -5.22 -25.02 16.66
C GLY B 138 -5.71 -25.19 18.08
N THR B 139 -6.61 -26.14 18.28
CA THR B 139 -7.13 -26.48 19.61
C THR B 139 -6.11 -27.33 20.40
N GLN B 140 -6.57 -27.91 21.51
CA GLN B 140 -5.74 -28.80 22.33
C GLN B 140 -5.61 -30.21 21.72
N TYR B 141 -6.47 -30.51 20.75
CA TYR B 141 -6.61 -31.87 20.20
C TYR B 141 -6.38 -31.98 18.68
N THR B 142 -6.45 -30.86 17.98
CA THR B 142 -6.27 -30.82 16.52
C THR B 142 -5.13 -29.88 16.13
N LYS B 143 -4.44 -30.23 15.04
CA LYS B 143 -3.36 -29.42 14.46
C LYS B 143 -3.88 -28.04 13.97
N PRO B 144 -3.00 -27.02 13.91
CA PRO B 144 -3.49 -25.68 13.52
C PRO B 144 -4.08 -25.61 12.11
N ASN B 145 -5.24 -24.95 12.02
CA ASN B 145 -5.98 -24.75 10.77
C ASN B 145 -5.38 -23.60 9.94
N GLN B 146 -4.72 -23.97 8.84
CA GLN B 146 -3.99 -23.03 7.99
C GLN B 146 -4.90 -22.17 7.10
N TYR B 147 -6.17 -22.55 6.99
CA TYR B 147 -7.12 -21.87 6.12
C TYR B 147 -7.80 -20.67 6.79
N LYS B 148 -7.66 -20.56 8.12
CA LYS B 148 -8.27 -19.48 8.90
C LYS B 148 -7.26 -18.85 9.89
N PRO B 149 -6.17 -18.22 9.37
CA PRO B 149 -5.19 -17.66 10.30
C PRO B 149 -5.43 -16.20 10.70
N THR B 150 -4.74 -15.77 11.75
CA THR B 150 -4.77 -14.37 12.20
C THR B 150 -3.53 -13.65 11.64
N TYR B 151 -3.71 -12.38 11.28
CA TYR B 151 -2.59 -11.57 10.81
C TYR B 151 -2.36 -10.38 11.71
N VAL B 152 -1.08 -10.12 12.00
CA VAL B 152 -0.68 -8.93 12.74
C VAL B 152 0.33 -8.14 11.92
N VAL B 153 0.07 -6.86 11.76
CA VAL B 153 1.01 -5.93 11.14
C VAL B 153 1.44 -4.98 12.25
N TYR B 154 2.70 -5.08 12.64
CA TYR B 154 3.24 -4.24 13.70
C TYR B 154 4.32 -3.29 13.18
N TYR B 155 4.04 -2.00 13.27
CA TYR B 155 5.02 -0.97 12.96
C TYR B 155 5.75 -0.67 14.25
N SER B 156 7.00 -1.13 14.33
CA SER B 156 7.81 -1.09 15.54
C SER B 156 8.20 0.32 15.98
N GLN B 157 8.43 1.19 15.00
CA GLN B 157 8.71 2.62 15.21
C GLN B 157 7.54 3.39 15.83
N THR B 158 6.41 2.69 16.02
CA THR B 158 5.13 3.30 16.41
C THR B 158 4.44 2.46 17.51
N PRO B 159 3.47 3.06 18.23
CA PRO B 159 2.67 2.25 19.18
C PRO B 159 1.61 1.34 18.53
N TYR B 160 1.52 1.35 17.20
CA TYR B 160 0.37 0.75 16.52
C TYR B 160 0.59 -0.64 15.98
N ALA B 161 -0.44 -1.46 16.14
CA ALA B 161 -0.48 -2.81 15.58
C ALA B 161 -1.85 -3.07 14.97
N PHE B 162 -1.86 -3.73 13.82
CA PHE B 162 -3.08 -3.94 13.06
C PHE B 162 -3.39 -5.43 12.99
N THR B 163 -4.64 -5.77 13.32
CA THR B 163 -5.06 -7.17 13.49
C THR B 163 -6.30 -7.49 12.67
N SER B 164 -6.24 -8.62 11.97
CA SER B 164 -7.39 -9.16 11.28
C SER B 164 -7.49 -10.62 11.64
N SER B 165 -8.64 -10.99 12.21
CA SER B 165 -8.86 -12.37 12.65
C SER B 165 -10.07 -13.02 12.00
N SER B 166 -9.99 -14.34 11.86
CA SER B 166 -11.10 -15.18 11.39
C SER B 166 -12.11 -15.43 12.50
N MET B 167 -13.28 -15.94 12.12
CA MET B 167 -14.37 -16.28 13.06
C MET B 167 -14.00 -17.29 14.14
N LEU B 168 -13.08 -18.20 13.81
CA LEU B 168 -12.70 -19.30 14.71
C LEU B 168 -12.05 -18.83 16.03
N ARG B 169 -11.30 -17.72 15.97
CA ARG B 169 -10.54 -17.23 17.14
C ARG B 169 -11.44 -16.74 18.27
N ARG B 170 -11.14 -17.22 19.47
CA ARG B 170 -11.86 -16.82 20.68
C ARG B 170 -11.27 -15.52 21.24
N ASN B 171 -12.13 -14.76 21.92
CA ASN B 171 -11.74 -13.50 22.56
C ASN B 171 -10.89 -13.73 23.83
N THR B 172 -9.66 -14.19 23.61
CA THR B 172 -8.69 -14.46 24.67
C THR B 172 -7.61 -13.35 24.65
N PRO B 173 -7.22 -12.83 25.83
CA PRO B 173 -6.19 -11.78 25.91
C PRO B 173 -4.76 -12.21 25.52
N LEU B 174 -4.61 -13.45 25.04
CA LEU B 174 -3.31 -14.06 24.79
C LEU B 174 -2.48 -13.38 23.69
N LEU B 175 -3.09 -13.14 22.52
CA LEU B 175 -2.40 -12.47 21.40
C LEU B 175 -1.91 -11.08 21.81
N GLY B 176 -2.78 -10.35 22.50
CA GLY B 176 -2.48 -9.04 23.08
C GLY B 176 -1.30 -9.08 24.02
N GLN B 177 -1.37 -9.96 25.03
CA GLN B 177 -0.32 -10.17 26.03
C GLN B 177 1.05 -10.47 25.41
N ALA B 178 1.09 -11.40 24.46
CA ALA B 178 2.31 -11.82 23.78
C ALA B 178 2.98 -10.64 23.07
N LEU B 179 2.15 -9.86 22.37
CA LEU B 179 2.60 -8.69 21.64
C LEU B 179 3.05 -7.58 22.59
N THR B 180 2.36 -7.45 23.72
CA THR B 180 2.68 -6.46 24.75
C THR B 180 4.00 -6.80 25.46
N ILE B 181 4.22 -8.09 25.72
CA ILE B 181 5.45 -8.56 26.39
C ILE B 181 6.66 -8.53 25.45
N ALA B 182 6.47 -9.01 24.21
CA ALA B 182 7.56 -9.15 23.23
C ALA B 182 8.21 -7.82 22.82
N SER B 183 7.38 -6.80 22.61
CA SER B 183 7.84 -5.41 22.56
C SER B 183 7.79 -4.88 24.00
N LYS B 184 8.66 -3.95 24.35
CA LYS B 184 8.77 -3.52 25.76
C LYS B 184 7.68 -2.49 26.14
N HIS B 185 6.43 -2.96 26.17
CA HIS B 185 5.26 -2.15 26.51
C HIS B 185 4.53 -2.75 27.71
N HIS B 186 3.81 -1.92 28.46
CA HIS B 186 3.05 -2.43 29.61
C HIS B 186 1.54 -2.58 29.38
N GLN B 187 0.99 -1.89 28.39
CA GLN B 187 -0.44 -1.99 28.10
C GLN B 187 -0.79 -1.92 26.60
N ILE B 188 -1.79 -2.73 26.23
CA ILE B 188 -2.38 -2.74 24.88
C ILE B 188 -3.87 -2.36 24.97
N VAL B 189 -4.34 -1.51 24.06
CA VAL B 189 -5.75 -1.10 24.03
C VAL B 189 -6.35 -1.12 22.61
N LYS B 190 -7.54 -1.71 22.49
CA LYS B 190 -8.31 -1.72 21.25
C LYS B 190 -9.02 -0.38 21.03
N MET B 191 -8.95 0.13 19.80
CA MET B 191 -9.59 1.39 19.43
C MET B 191 -10.96 1.20 18.79
N ASP B 192 -11.66 2.32 18.62
CA ASP B 192 -13.01 2.37 18.04
C ASP B 192 -12.98 2.01 16.54
N LEU B 193 -12.05 2.61 15.81
CA LEU B 193 -12.00 2.55 14.34
C LEU B 193 -11.50 1.21 13.77
N ARG B 194 -12.25 0.69 12.80
CA ARG B 194 -11.90 -0.53 12.07
C ARG B 194 -12.36 -0.50 10.61
N SER B 195 -11.51 -1.05 9.73
CA SER B 195 -11.77 -1.03 8.28
C SER B 195 -11.30 -2.28 7.54
N ARG B 196 -11.93 -2.49 6.39
CA ARG B 196 -11.57 -3.50 5.41
C ARG B 196 -10.27 -3.09 4.69
N TYR B 197 -10.06 -1.78 4.56
CA TYR B 197 -8.91 -1.23 3.84
C TYR B 197 -7.79 -0.87 4.82
N LEU B 198 -6.81 -1.76 4.89
CA LEU B 198 -5.68 -1.61 5.81
C LEU B 198 -4.84 -0.37 5.54
N ASP B 199 -4.65 -0.07 4.25
CA ASP B 199 -3.87 1.09 3.80
C ASP B 199 -4.49 2.44 4.21
N SER B 200 -5.82 2.54 4.09
CA SER B 200 -6.58 3.71 4.54
C SER B 200 -6.53 3.84 6.06
N LEU B 201 -6.65 2.71 6.76
CA LEU B 201 -6.49 2.65 8.22
C LEU B 201 -5.11 3.11 8.65
N LYS B 202 -4.08 2.55 8.02
CA LYS B 202 -2.68 2.95 8.23
C LYS B 202 -2.48 4.47 8.05
N ALA B 203 -3.07 5.00 6.98
CA ALA B 203 -3.00 6.42 6.67
C ALA B 203 -3.76 7.29 7.69
N ILE B 204 -5.00 6.90 8.00
CA ILE B 204 -5.83 7.65 8.95
C ILE B 204 -5.31 7.59 10.41
N VAL B 205 -4.61 6.51 10.76
CA VAL B 205 -4.01 6.36 12.09
C VAL B 205 -2.74 7.19 12.24
N PHE B 206 -1.81 7.04 11.29
CA PHE B 206 -0.51 7.74 11.37
C PHE B 206 -0.60 9.25 11.14
N LYS B 207 -1.63 9.71 10.42
CA LYS B 207 -1.86 11.14 10.23
C LYS B 207 -2.37 11.78 11.54
N GLN B 208 -3.27 11.10 12.22
CA GLN B 208 -3.80 11.54 13.53
C GLN B 208 -2.78 11.48 14.67
N TYR B 209 -1.81 10.56 14.55
CA TYR B 209 -0.73 10.39 15.52
C TYR B 209 0.30 11.52 15.44
N ASN B 210 0.55 12.01 14.22
CA ASN B 210 1.51 13.09 13.98
C ASN B 210 0.97 14.51 14.22
N GLN B 211 -0.33 14.61 14.48
CA GLN B 211 -1.00 15.89 14.73
C GLN B 211 -0.71 16.41 16.15
N THR B 212 -1.11 15.64 17.17
CA THR B 212 -0.83 15.97 18.58
C THR B 212 -0.10 14.83 19.28
#